data_5FAO
#
_entry.id   5FAO
#
_cell.length_a   43.890
_cell.length_b   62.730
_cell.length_c   175.490
_cell.angle_alpha   90.00
_cell.angle_beta   90.00
_cell.angle_gamma   90.00
#
_symmetry.space_group_name_H-M   'P 21 21 21'
#
loop_
_entity.id
_entity.type
_entity.pdbx_description
1 polymer Beta-lactamase
2 non-polymer '[[(3~{R},6~{S})-1-methanoyl-6-[[(3~{S})-pyrrolidin-3-yl]oxycarbamoyl]piperidin-3-yl]amino] hydrogen sulfate'
3 water water
#
_entity_poly.entity_id   1
_entity_poly.type   'polypeptide(L)'
_entity_poly.pdbx_seq_one_letter_code
;QTADVQQKLAELERQSGGRLGVALINTADNSQILYRADERFAMCSTSKVMAAAAVLKKSESEPNLLNQRVEIKKSDLVNY
NPIAEKHVNGTMSLAELSAAALQYSDNVAMNKLIAHVGGPASVTAFARQLGDETFRLDRTEPTLNTAIPGDPRDTTSPRA
MAQTLRNLTLGKALGDSQRAQLVTWMKGNTTGAASIQAGLPASWVVGDKTGSGGYGTTNDIAVIWPKDRAPLILVTYFTQ
PQPKAESRRDVLASAAKIVTDGL
;
_entity_poly.pdbx_strand_id   A,B
#
# COMPACT_ATOMS: atom_id res chain seq x y z
N ALA A 3 -31.09 -23.66 -13.69
CA ALA A 3 -32.31 -23.71 -12.84
C ALA A 3 -32.92 -22.29 -12.75
N ASP A 4 -33.30 -21.86 -11.54
CA ASP A 4 -33.87 -20.51 -11.30
C ASP A 4 -32.85 -19.42 -11.63
N VAL A 5 -31.59 -19.64 -11.26
CA VAL A 5 -30.48 -18.68 -11.47
C VAL A 5 -30.13 -18.51 -12.96
N GLN A 6 -30.21 -19.59 -13.75
CA GLN A 6 -29.95 -19.56 -15.19
C GLN A 6 -31.04 -18.81 -15.94
N GLN A 7 -32.29 -19.00 -15.50
CA GLN A 7 -33.46 -18.30 -16.04
C GLN A 7 -33.43 -16.80 -15.72
N LYS A 8 -33.17 -16.47 -14.44
CA LYS A 8 -33.09 -15.09 -13.95
C LYS A 8 -32.00 -14.25 -14.63
N LEU A 9 -30.86 -14.88 -14.95
CA LEU A 9 -29.77 -14.22 -15.68
C LEU A 9 -30.13 -14.01 -17.16
N ALA A 10 -30.85 -14.98 -17.74
CA ALA A 10 -31.30 -14.92 -19.13
C ALA A 10 -32.33 -13.81 -19.35
N GLU A 11 -33.19 -13.55 -18.33
CA GLU A 11 -34.18 -12.45 -18.36
C GLU A 11 -33.43 -11.12 -18.33
N LEU A 12 -32.39 -11.05 -17.49
CA LEU A 12 -31.53 -9.86 -17.35
C LEU A 12 -30.78 -9.56 -18.65
N GLU A 13 -30.27 -10.60 -19.31
CA GLU A 13 -29.55 -10.46 -20.57
C GLU A 13 -30.50 -9.95 -21.64
N ARG A 14 -31.75 -10.47 -21.62
CA ARG A 14 -32.82 -10.08 -22.56
C ARG A 14 -33.20 -8.61 -22.35
N GLN A 15 -33.35 -8.21 -21.08
CA GLN A 15 -33.73 -6.85 -20.73
C GLN A 15 -32.63 -5.85 -21.09
N SER A 16 -31.37 -6.20 -20.80
CA SER A 16 -30.22 -5.36 -21.08
C SER A 16 -29.92 -5.22 -22.58
N GLY A 17 -30.32 -6.21 -23.36
CA GLY A 17 -30.16 -6.19 -24.82
C GLY A 17 -28.73 -6.36 -25.27
N GLY A 18 -27.97 -7.16 -24.52
CA GLY A 18 -26.56 -7.40 -24.81
C GLY A 18 -26.15 -8.84 -24.56
N ARG A 19 -24.86 -9.05 -24.27
CA ARG A 19 -24.29 -10.36 -23.99
C ARG A 19 -23.68 -10.37 -22.57
N LEU A 20 -24.23 -11.19 -21.69
CA LEU A 20 -23.81 -11.30 -20.30
C LEU A 20 -23.03 -12.59 -20.06
N GLY A 21 -21.89 -12.45 -19.39
CA GLY A 21 -21.02 -13.55 -18.99
C GLY A 21 -20.82 -13.54 -17.50
N VAL A 22 -21.35 -14.56 -16.82
CA VAL A 22 -21.26 -14.70 -15.36
C VAL A 22 -20.57 -16.01 -14.97
N ALA A 23 -19.62 -15.92 -14.03
CA ALA A 23 -18.92 -17.08 -13.45
C ALA A 23 -18.67 -16.86 -11.95
N LEU A 24 -19.39 -17.61 -11.11
CA LEU A 24 -19.25 -17.55 -9.65
C LEU A 24 -18.73 -18.88 -9.10
N ILE A 25 -17.75 -18.79 -8.19
CA ILE A 25 -17.21 -19.97 -7.46
C ILE A 25 -17.42 -19.78 -5.95
N ASN A 26 -18.06 -20.74 -5.30
CA ASN A 26 -18.27 -20.74 -3.83
C ASN A 26 -17.25 -21.67 -3.19
N THR A 27 -16.24 -21.10 -2.54
CA THR A 27 -15.13 -21.85 -1.95
C THR A 27 -15.53 -22.81 -0.80
N ALA A 28 -16.71 -22.61 -0.22
CA ALA A 28 -17.24 -23.48 0.83
C ALA A 28 -17.43 -24.93 0.35
N ASP A 29 -18.18 -25.12 -0.73
CA ASP A 29 -18.42 -26.46 -1.29
C ASP A 29 -17.99 -26.62 -2.75
N ASN A 30 -17.18 -25.69 -3.24
CA ASN A 30 -16.65 -25.65 -4.63
C ASN A 30 -17.72 -25.61 -5.75
N SER A 31 -18.90 -25.03 -5.42
CA SER A 31 -20.02 -24.86 -6.34
C SER A 31 -19.72 -23.80 -7.40
N GLN A 32 -20.45 -23.87 -8.52
CA GLN A 32 -20.29 -22.92 -9.63
C GLN A 32 -21.62 -22.52 -10.30
N ILE A 33 -21.78 -21.23 -10.55
CA ILE A 33 -22.88 -20.69 -11.33
C ILE A 33 -22.23 -20.16 -12.61
N LEU A 34 -22.51 -20.80 -13.74
CA LEU A 34 -21.87 -20.47 -15.03
C LEU A 34 -22.88 -20.10 -16.13
N TYR A 35 -22.81 -18.85 -16.58
CA TYR A 35 -23.63 -18.32 -17.69
C TYR A 35 -22.69 -17.70 -18.75
N ARG A 36 -22.59 -18.36 -19.90
CA ARG A 36 -21.68 -17.97 -21.01
C ARG A 36 -20.21 -17.94 -20.55
N ALA A 37 -19.86 -18.92 -19.70
CA ALA A 37 -18.56 -19.07 -19.06
C ALA A 37 -17.40 -19.38 -20.01
N ASP A 38 -17.71 -19.96 -21.19
CA ASP A 38 -16.70 -20.33 -22.19
C ASP A 38 -16.55 -19.28 -23.29
N GLU A 39 -17.57 -18.45 -23.50
CA GLU A 39 -17.57 -17.39 -24.51
C GLU A 39 -16.52 -16.31 -24.20
N ARG A 40 -15.82 -15.86 -25.26
CA ARG A 40 -14.75 -14.86 -25.14
C ARG A 40 -15.29 -13.42 -25.01
N PHE A 41 -14.89 -12.74 -23.93
CA PHE A 41 -15.25 -11.35 -23.65
C PHE A 41 -13.99 -10.51 -23.50
N ALA A 42 -14.01 -9.27 -24.00
CA ALA A 42 -12.90 -8.32 -23.84
C ALA A 42 -12.82 -7.82 -22.40
N MET A 43 -11.68 -8.11 -21.73
CA MET A 43 -11.44 -7.79 -20.32
C MET A 43 -11.35 -6.30 -20.03
N CYS A 44 -10.68 -5.57 -20.93
CA CYS A 44 -10.41 -4.13 -20.82
C CYS A 44 -9.58 -3.96 -19.52
N SER A 45 -10.11 -3.23 -18.53
CA SER A 45 -9.38 -3.01 -17.29
C SER A 45 -9.32 -4.13 -16.22
N THR A 46 -10.05 -5.23 -16.42
CA THR A 46 -9.97 -6.37 -15.49
C THR A 46 -8.64 -7.12 -15.67
N SER A 47 -8.02 -6.91 -16.83
CA SER A 47 -6.74 -7.49 -17.19
C SER A 47 -5.59 -6.95 -16.32
N LYS A 48 -5.78 -5.76 -15.73
CA LYS A 48 -4.77 -5.10 -14.90
C LYS A 48 -4.32 -5.96 -13.71
N VAL A 49 -5.22 -6.80 -13.19
CA VAL A 49 -4.95 -7.75 -12.10
C VAL A 49 -3.82 -8.69 -12.51
N MET A 50 -3.91 -9.27 -13.71
CA MET A 50 -2.89 -10.17 -14.25
C MET A 50 -1.52 -9.49 -14.37
N ALA A 51 -1.51 -8.23 -14.81
CA ALA A 51 -0.30 -7.42 -14.94
C ALA A 51 0.29 -7.08 -13.56
N ALA A 52 -0.58 -6.85 -12.58
CA ALA A 52 -0.15 -6.57 -11.21
C ALA A 52 0.45 -7.83 -10.58
N ALA A 53 -0.17 -8.97 -10.88
CA ALA A 53 0.24 -10.28 -10.36
C ALA A 53 1.53 -10.79 -11.00
N ALA A 54 1.77 -10.40 -12.25
CA ALA A 54 2.98 -10.76 -12.99
C ALA A 54 4.19 -10.03 -12.38
N VAL A 55 3.96 -8.81 -11.91
CA VAL A 55 4.97 -8.00 -11.24
C VAL A 55 5.15 -8.53 -9.82
N LEU A 56 4.04 -9.00 -9.20
CA LEU A 56 4.07 -9.61 -7.86
C LEU A 56 4.85 -10.91 -7.85
N LYS A 57 4.64 -11.76 -8.87
CA LYS A 57 5.36 -13.04 -9.02
C LYS A 57 6.84 -12.80 -9.30
N LYS A 58 7.12 -11.68 -9.98
CA LYS A 58 8.48 -11.24 -10.29
C LYS A 58 9.22 -10.82 -9.03
N SER A 59 8.50 -10.19 -8.09
CA SER A 59 9.07 -9.73 -6.81
C SER A 59 9.43 -10.86 -5.84
N GLU A 60 9.01 -12.10 -6.14
CA GLU A 60 9.34 -13.28 -5.34
C GLU A 60 10.81 -13.64 -5.57
N SER A 61 11.25 -13.52 -6.83
CA SER A 61 12.65 -13.74 -7.24
C SER A 61 13.46 -12.42 -7.23
N GLU A 62 12.77 -11.28 -7.06
CA GLU A 62 13.39 -9.94 -6.99
C GLU A 62 12.99 -9.18 -5.72
N PRO A 63 13.75 -9.34 -4.62
CA PRO A 63 13.40 -8.58 -3.42
C PRO A 63 13.67 -7.09 -3.63
N ASN A 64 12.78 -6.24 -3.08
CA ASN A 64 12.84 -4.76 -3.21
C ASN A 64 12.38 -4.26 -4.59
N LEU A 65 11.77 -5.15 -5.39
CA LEU A 65 11.28 -4.80 -6.73
C LEU A 65 10.17 -3.76 -6.68
N LEU A 66 9.23 -3.95 -5.76
CA LEU A 66 8.06 -3.05 -5.65
C LEU A 66 8.42 -1.63 -5.22
N ASN A 67 9.64 -1.44 -4.70
CA ASN A 67 10.14 -0.13 -4.31
C ASN A 67 10.95 0.56 -5.42
N GLN A 68 11.23 -0.16 -6.51
CA GLN A 68 11.98 0.39 -7.63
C GLN A 68 11.16 1.48 -8.33
N ARG A 69 11.78 2.65 -8.50
CA ARG A 69 11.16 3.84 -9.10
C ARG A 69 11.10 3.76 -10.63
N VAL A 70 9.99 4.22 -11.21
CA VAL A 70 9.79 4.27 -12.66
C VAL A 70 9.45 5.71 -13.07
N GLU A 71 10.19 6.24 -14.04
CA GLU A 71 10.01 7.62 -14.55
C GLU A 71 8.68 7.78 -15.28
N ILE A 72 7.96 8.85 -14.96
CA ILE A 72 6.67 9.18 -15.58
C ILE A 72 6.84 10.46 -16.41
N LYS A 73 6.81 10.32 -17.75
CA LYS A 73 7.00 11.43 -18.70
C LYS A 73 5.68 11.85 -19.36
N LYS A 74 5.65 13.06 -19.94
CA LYS A 74 4.46 13.61 -20.60
C LYS A 74 3.98 12.77 -21.80
N SER A 75 4.93 12.17 -22.50
CA SER A 75 4.66 11.30 -23.65
C SER A 75 3.89 10.03 -23.26
N ASP A 76 4.13 9.55 -22.03
CA ASP A 76 3.50 8.34 -21.50
C ASP A 76 1.99 8.48 -21.32
N LEU A 77 1.53 9.71 -21.06
CA LEU A 77 0.11 10.06 -20.82
C LEU A 77 -0.78 9.64 -21.98
N VAL A 78 -1.89 8.97 -21.65
CA VAL A 78 -2.91 8.48 -22.60
C VAL A 78 -4.32 8.96 -22.18
N ASN A 79 -5.38 8.29 -22.65
CA ASN A 79 -6.77 8.67 -22.42
C ASN A 79 -7.24 8.95 -20.99
N TYR A 80 -6.88 8.09 -20.04
CA TYR A 80 -7.29 8.21 -18.62
C TYR A 80 -6.13 7.84 -17.71
N ASN A 81 -5.61 8.85 -17.02
CA ASN A 81 -4.47 8.71 -16.11
C ASN A 81 -4.65 9.63 -14.90
N PRO A 82 -5.46 9.22 -13.91
CA PRO A 82 -5.70 10.10 -12.75
C PRO A 82 -4.52 10.32 -11.80
N ILE A 83 -3.71 9.28 -11.57
CA ILE A 83 -2.57 9.32 -10.64
C ILE A 83 -1.26 9.74 -11.35
N ALA A 84 -1.03 9.20 -12.55
CA ALA A 84 0.16 9.47 -13.36
C ALA A 84 0.29 10.93 -13.79
N GLU A 85 -0.84 11.61 -14.03
CA GLU A 85 -0.82 13.03 -14.43
C GLU A 85 -0.30 13.95 -13.31
N LYS A 86 -0.46 13.51 -12.06
CA LYS A 86 0.04 14.19 -10.86
C LYS A 86 1.52 13.90 -10.59
N HIS A 87 2.08 12.91 -11.30
CA HIS A 87 3.49 12.49 -11.16
C HIS A 87 4.36 12.70 -12.43
N VAL A 88 3.91 13.56 -13.35
CA VAL A 88 4.63 13.87 -14.61
C VAL A 88 5.97 14.55 -14.28
N ASN A 89 7.04 14.09 -14.96
CA ASN A 89 8.43 14.52 -14.75
C ASN A 89 8.93 14.18 -13.33
N GLY A 90 8.39 13.09 -12.79
CA GLY A 90 8.74 12.55 -11.47
C GLY A 90 8.88 11.04 -11.55
N THR A 91 8.78 10.37 -10.39
CA THR A 91 8.86 8.91 -10.33
C THR A 91 7.75 8.28 -9.48
N MET A 92 7.43 7.03 -9.80
CA MET A 92 6.46 6.18 -9.09
C MET A 92 7.03 4.78 -8.88
N SER A 93 6.95 4.27 -7.66
CA SER A 93 7.42 2.92 -7.34
C SER A 93 6.48 1.87 -7.96
N LEU A 94 6.97 0.64 -8.13
CA LEU A 94 6.17 -0.43 -8.73
C LEU A 94 4.93 -0.82 -7.91
N ALA A 95 4.98 -0.63 -6.59
CA ALA A 95 3.85 -0.87 -5.71
C ALA A 95 2.81 0.24 -5.89
N GLU A 96 3.28 1.47 -6.11
CA GLU A 96 2.45 2.64 -6.37
C GLU A 96 1.76 2.56 -7.74
N LEU A 97 2.47 2.05 -8.74
CA LEU A 97 1.92 1.89 -10.09
C LEU A 97 0.86 0.78 -10.09
N SER A 98 1.09 -0.27 -9.28
CA SER A 98 0.16 -1.36 -9.12
C SER A 98 -1.11 -0.86 -8.44
N ALA A 99 -0.92 -0.07 -7.38
CA ALA A 99 -2.03 0.54 -6.64
C ALA A 99 -2.90 1.47 -7.52
N ALA A 100 -2.24 2.33 -8.29
CA ALA A 100 -2.90 3.27 -9.22
C ALA A 100 -3.69 2.54 -10.31
N ALA A 101 -3.15 1.42 -10.78
CA ALA A 101 -3.79 0.62 -11.82
C ALA A 101 -5.01 -0.13 -11.32
N LEU A 102 -4.93 -0.66 -10.09
CA LEU A 102 -6.01 -1.46 -9.54
C LEU A 102 -7.09 -0.62 -8.86
N GLN A 103 -6.69 0.36 -8.04
CA GLN A 103 -7.62 1.16 -7.24
C GLN A 103 -8.18 2.36 -8.00
N TYR A 104 -7.34 3.05 -8.77
CA TYR A 104 -7.76 4.25 -9.51
C TYR A 104 -7.89 4.04 -11.04
N SER A 105 -7.57 2.84 -11.51
CA SER A 105 -7.64 2.42 -12.92
C SER A 105 -6.80 3.27 -13.90
N ASP A 106 -5.60 3.67 -13.47
CA ASP A 106 -4.68 4.47 -14.27
C ASP A 106 -4.09 3.62 -15.40
N ASN A 107 -4.27 4.06 -16.65
CA ASN A 107 -3.80 3.34 -17.84
C ASN A 107 -2.28 3.42 -18.03
N VAL A 108 -1.68 4.57 -17.68
CA VAL A 108 -0.23 4.77 -17.78
C VAL A 108 0.47 3.82 -16.80
N ALA A 109 -0.11 3.65 -15.62
CA ALA A 109 0.38 2.72 -14.60
C ALA A 109 0.33 1.29 -15.11
N MET A 110 -0.75 0.94 -15.82
CA MET A 110 -0.95 -0.37 -16.44
C MET A 110 0.08 -0.61 -17.54
N ASN A 111 0.39 0.43 -18.31
CA ASN A 111 1.41 0.39 -19.38
C ASN A 111 2.82 0.16 -18.83
N LYS A 112 3.11 0.76 -17.67
CA LYS A 112 4.40 0.57 -16.99
C LYS A 112 4.57 -0.87 -16.44
N LEU A 113 3.46 -1.47 -15.98
CA LEU A 113 3.43 -2.85 -15.49
C LEU A 113 3.68 -3.85 -16.63
N ILE A 114 3.07 -3.55 -17.80
CA ILE A 114 3.19 -4.36 -19.03
C ILE A 114 4.63 -4.30 -19.54
N ALA A 115 5.21 -3.10 -19.54
CA ALA A 115 6.59 -2.86 -19.98
C ALA A 115 7.60 -3.56 -19.07
N HIS A 116 7.33 -3.57 -17.77
CA HIS A 116 8.25 -4.14 -16.78
C HIS A 116 8.37 -5.66 -16.85
N VAL A 117 7.29 -6.34 -17.27
CA VAL A 117 7.33 -7.80 -17.44
C VAL A 117 7.79 -8.21 -18.84
N GLY A 118 7.91 -7.24 -19.75
CA GLY A 118 8.49 -7.45 -21.08
C GLY A 118 7.51 -7.37 -22.23
N GLY A 119 6.41 -6.66 -22.03
CA GLY A 119 5.37 -6.51 -23.05
C GLY A 119 4.07 -7.24 -22.72
N PRO A 120 3.05 -7.10 -23.58
CA PRO A 120 1.75 -7.76 -23.31
C PRO A 120 1.79 -9.27 -23.48
N ALA A 121 2.71 -9.77 -24.31
CA ALA A 121 2.90 -11.20 -24.54
C ALA A 121 3.45 -11.91 -23.32
N SER A 122 4.21 -11.18 -22.50
CA SER A 122 4.79 -11.69 -21.25
C SER A 122 3.73 -11.80 -20.17
N VAL A 123 2.70 -10.95 -20.24
CA VAL A 123 1.52 -10.98 -19.35
C VAL A 123 0.72 -12.27 -19.65
N THR A 124 0.53 -12.55 -20.95
CA THR A 124 -0.13 -13.75 -21.46
C THR A 124 0.71 -14.99 -21.07
N ALA A 125 2.05 -14.87 -21.12
CA ALA A 125 2.98 -15.92 -20.73
C ALA A 125 2.85 -16.29 -19.24
N PHE A 126 2.56 -15.29 -18.41
CA PHE A 126 2.36 -15.45 -16.97
C PHE A 126 1.05 -16.20 -16.66
N ALA A 127 0.03 -16.02 -17.48
CA ALA A 127 -1.26 -16.70 -17.32
C ALA A 127 -1.14 -18.21 -17.60
N ARG A 128 -0.30 -18.57 -18.57
CA ARG A 128 -0.06 -19.97 -18.94
C ARG A 128 0.69 -20.67 -17.82
N GLN A 129 1.50 -19.90 -17.09
CA GLN A 129 2.28 -20.36 -15.93
C GLN A 129 1.38 -20.72 -14.73
N LEU A 130 0.22 -20.05 -14.62
CA LEU A 130 -0.79 -20.29 -13.59
C LEU A 130 -1.76 -21.40 -13.98
N GLY A 131 -1.96 -21.58 -15.29
CA GLY A 131 -2.86 -22.60 -15.82
C GLY A 131 -3.84 -22.07 -16.85
N ASP A 132 -4.07 -20.75 -16.84
CA ASP A 132 -4.99 -20.05 -17.74
C ASP A 132 -4.50 -20.15 -19.19
N GLU A 133 -5.25 -20.88 -20.00
CA GLU A 133 -4.96 -21.07 -21.43
C GLU A 133 -5.90 -20.26 -22.32
N THR A 134 -6.74 -19.41 -21.71
CA THR A 134 -7.72 -18.57 -22.39
C THR A 134 -7.27 -17.11 -22.44
N PHE A 135 -6.70 -16.59 -21.33
CA PHE A 135 -6.22 -15.20 -21.22
C PHE A 135 -5.23 -14.84 -22.32
N ARG A 136 -5.42 -13.67 -22.93
CA ARG A 136 -4.52 -13.14 -23.94
C ARG A 136 -4.52 -11.61 -23.92
N LEU A 137 -3.31 -11.03 -23.89
CA LEU A 137 -3.10 -9.60 -23.95
C LEU A 137 -2.22 -9.37 -25.18
N ASP A 138 -2.79 -8.76 -26.21
CA ASP A 138 -2.10 -8.54 -27.50
C ASP A 138 -1.69 -7.09 -27.73
N ARG A 139 -2.35 -6.14 -27.04
CA ARG A 139 -2.08 -4.70 -27.19
C ARG A 139 -1.82 -4.03 -25.83
N THR A 140 -1.33 -2.80 -25.85
CA THR A 140 -1.11 -1.98 -24.66
C THR A 140 -2.24 -0.94 -24.54
N GLU A 141 -2.27 -0.16 -23.45
CA GLU A 141 -3.28 0.89 -23.25
C GLU A 141 -2.99 2.09 -24.17
N PRO A 142 -4.03 2.69 -24.80
CA PRO A 142 -5.47 2.46 -24.66
C PRO A 142 -6.09 1.47 -25.64
N THR A 143 -5.33 1.02 -26.66
CA THR A 143 -5.83 0.12 -27.71
C THR A 143 -6.45 -1.19 -27.24
N LEU A 144 -6.06 -1.71 -26.07
CA LEU A 144 -6.58 -2.99 -25.57
C LEU A 144 -8.05 -3.02 -25.15
N ASN A 145 -8.72 -1.86 -25.14
CA ASN A 145 -10.14 -1.75 -24.74
C ASN A 145 -11.12 -1.52 -25.92
N THR A 146 -10.71 -1.76 -27.17
CA THR A 146 -11.58 -1.54 -28.35
C THR A 146 -12.86 -2.38 -28.32
N ALA A 147 -12.74 -3.64 -27.89
CA ALA A 147 -13.86 -4.60 -27.71
C ALA A 147 -14.82 -4.73 -28.91
N ILE A 148 -14.23 -4.87 -30.11
CA ILE A 148 -14.97 -5.01 -31.36
C ILE A 148 -15.60 -6.43 -31.39
N PRO A 149 -16.92 -6.55 -31.67
CA PRO A 149 -17.54 -7.88 -31.67
C PRO A 149 -16.93 -8.81 -32.71
N GLY A 150 -16.41 -9.94 -32.25
CA GLY A 150 -15.73 -10.93 -33.09
C GLY A 150 -14.21 -10.92 -32.95
N ASP A 151 -13.65 -9.76 -32.54
CA ASP A 151 -12.21 -9.57 -32.38
C ASP A 151 -11.72 -10.35 -31.14
N PRO A 152 -10.78 -11.31 -31.32
CA PRO A 152 -10.32 -12.08 -30.16
C PRO A 152 -9.23 -11.41 -29.33
N ARG A 153 -8.68 -10.29 -29.85
CA ARG A 153 -7.60 -9.53 -29.20
C ARG A 153 -8.03 -9.01 -27.83
N ASP A 154 -7.18 -9.24 -26.83
CA ASP A 154 -7.37 -8.84 -25.43
C ASP A 154 -8.66 -9.37 -24.80
N THR A 155 -8.85 -10.69 -24.85
CA THR A 155 -10.05 -11.36 -24.33
C THR A 155 -9.72 -12.53 -23.38
N THR A 156 -10.74 -12.99 -22.65
CA THR A 156 -10.71 -14.20 -21.81
C THR A 156 -12.15 -14.65 -21.59
N SER A 157 -12.33 -15.88 -21.10
CA SER A 157 -13.66 -16.43 -20.78
C SER A 157 -13.95 -16.21 -19.28
N PRO A 158 -15.22 -15.94 -18.89
CA PRO A 158 -15.52 -15.72 -17.46
C PRO A 158 -15.06 -16.84 -16.51
N ARG A 159 -15.16 -18.10 -16.96
CA ARG A 159 -14.69 -19.26 -16.18
C ARG A 159 -13.18 -19.23 -15.91
N ALA A 160 -12.37 -19.02 -16.97
CA ALA A 160 -10.92 -18.96 -16.85
C ALA A 160 -10.47 -17.84 -15.91
N MET A 161 -11.11 -16.66 -16.00
CA MET A 161 -10.77 -15.50 -15.16
C MET A 161 -11.16 -15.74 -13.72
N ALA A 162 -12.26 -16.47 -13.51
CA ALA A 162 -12.74 -16.82 -12.16
C ALA A 162 -11.79 -17.82 -11.51
N GLN A 163 -11.33 -18.83 -12.27
CA GLN A 163 -10.35 -19.82 -11.81
C GLN A 163 -9.03 -19.13 -11.46
N THR A 164 -8.57 -18.23 -12.33
CA THR A 164 -7.31 -17.51 -12.15
C THR A 164 -7.34 -16.54 -10.95
N LEU A 165 -8.44 -15.80 -10.78
CA LEU A 165 -8.62 -14.90 -9.65
C LEU A 165 -8.65 -15.70 -8.33
N ARG A 166 -9.23 -16.91 -8.36
CA ARG A 166 -9.30 -17.82 -7.21
C ARG A 166 -7.88 -18.21 -6.79
N ASN A 167 -7.03 -18.53 -7.78
CA ASN A 167 -5.65 -18.92 -7.53
C ASN A 167 -4.79 -17.75 -7.06
N LEU A 168 -5.02 -16.54 -7.60
CA LEU A 168 -4.22 -15.37 -7.26
C LEU A 168 -4.56 -14.79 -5.89
N THR A 169 -5.85 -14.65 -5.59
CA THR A 169 -6.32 -14.03 -4.34
C THR A 169 -6.47 -15.00 -3.16
N LEU A 170 -6.87 -16.25 -3.44
CA LEU A 170 -7.11 -17.25 -2.40
C LEU A 170 -6.22 -18.50 -2.47
N GLY A 171 -5.70 -18.80 -3.66
CA GLY A 171 -4.85 -19.97 -3.91
C GLY A 171 -3.38 -19.77 -3.60
N LYS A 172 -2.53 -20.56 -4.28
CA LYS A 172 -1.07 -20.57 -4.05
C LYS A 172 -0.27 -20.17 -5.31
N ALA A 173 -0.91 -19.41 -6.21
CA ALA A 173 -0.27 -18.92 -7.44
C ALA A 173 0.84 -17.91 -7.12
N LEU A 174 0.62 -17.14 -6.06
CA LEU A 174 1.58 -16.14 -5.56
C LEU A 174 1.94 -16.48 -4.12
N GLY A 175 3.06 -15.94 -3.66
CA GLY A 175 3.51 -16.14 -2.28
C GLY A 175 2.58 -15.45 -1.29
N ASP A 176 2.58 -15.95 -0.05
CA ASP A 176 1.72 -15.44 1.03
C ASP A 176 1.76 -13.91 1.17
N SER A 177 2.95 -13.32 1.11
CA SER A 177 3.14 -11.87 1.21
C SER A 177 2.52 -11.16 -0.01
N GLN A 178 2.77 -11.71 -1.21
CA GLN A 178 2.31 -11.17 -2.48
C GLN A 178 0.78 -11.30 -2.63
N ARG A 179 0.23 -12.45 -2.21
CA ARG A 179 -1.22 -12.72 -2.21
C ARG A 179 -1.94 -11.73 -1.31
N ALA A 180 -1.36 -11.43 -0.15
CA ALA A 180 -1.90 -10.46 0.82
C ALA A 180 -1.91 -9.02 0.28
N GLN A 181 -0.91 -8.69 -0.54
CA GLN A 181 -0.79 -7.37 -1.17
C GLN A 181 -1.83 -7.13 -2.26
N LEU A 182 -2.05 -8.11 -3.16
CA LEU A 182 -3.06 -8.02 -4.23
C LEU A 182 -4.45 -7.85 -3.62
N VAL A 183 -4.73 -8.64 -2.59
CA VAL A 183 -6.00 -8.60 -1.87
C VAL A 183 -6.21 -7.20 -1.26
N THR A 184 -5.18 -6.66 -0.59
CA THR A 184 -5.24 -5.34 0.05
C THR A 184 -5.52 -4.23 -0.99
N TRP A 185 -4.79 -4.27 -2.12
CA TRP A 185 -4.98 -3.31 -3.22
C TRP A 185 -6.39 -3.39 -3.77
N MET A 186 -6.86 -4.60 -4.11
CA MET A 186 -8.22 -4.81 -4.65
C MET A 186 -9.31 -4.39 -3.68
N LYS A 187 -9.07 -4.54 -2.36
CA LYS A 187 -10.00 -4.11 -1.31
C LYS A 187 -10.11 -2.58 -1.28
N GLY A 188 -9.02 -1.92 -1.63
CA GLY A 188 -8.96 -0.45 -1.67
C GLY A 188 -9.39 0.19 -2.98
N ASN A 189 -10.17 -0.54 -3.79
CA ASN A 189 -10.66 -0.07 -5.07
C ASN A 189 -11.71 1.02 -4.86
N THR A 190 -11.65 2.06 -5.69
CA THR A 190 -12.58 3.20 -5.65
C THR A 190 -13.60 3.17 -6.79
N THR A 191 -13.23 2.50 -7.89
CA THR A 191 -14.01 2.47 -9.15
C THR A 191 -15.12 1.43 -9.24
N GLY A 192 -15.31 0.60 -8.21
CA GLY A 192 -16.32 -0.47 -8.26
C GLY A 192 -17.50 -0.38 -7.33
N ALA A 193 -17.91 0.86 -7.00
CA ALA A 193 -19.01 1.12 -6.06
C ALA A 193 -20.38 0.78 -6.65
N ALA A 194 -20.54 1.00 -7.95
CA ALA A 194 -21.82 0.89 -8.60
C ALA A 194 -21.94 -0.32 -9.44
N SER A 195 -20.95 -1.20 -9.32
CA SER A 195 -20.82 -2.39 -10.09
C SER A 195 -21.25 -3.56 -9.21
N ILE A 196 -20.52 -4.66 -9.24
CA ILE A 196 -20.81 -5.86 -8.48
C ILE A 196 -21.20 -5.58 -7.02
N GLN A 197 -20.38 -4.76 -6.35
CA GLN A 197 -20.59 -4.31 -4.97
C GLN A 197 -21.98 -3.72 -4.71
N ALA A 198 -22.57 -3.09 -5.74
CA ALA A 198 -23.91 -2.49 -5.66
C ALA A 198 -25.04 -3.53 -5.47
N GLY A 199 -24.83 -4.74 -5.98
CA GLY A 199 -25.80 -5.83 -5.85
C GLY A 199 -25.57 -6.79 -4.69
N LEU A 200 -24.67 -6.43 -3.77
CA LEU A 200 -24.31 -7.25 -2.59
C LEU A 200 -24.54 -6.43 -1.31
N PRO A 201 -24.87 -7.08 -0.17
CA PRO A 201 -25.09 -6.30 1.07
C PRO A 201 -23.85 -5.55 1.59
N ALA A 202 -24.09 -4.42 2.27
CA ALA A 202 -23.05 -3.53 2.80
C ALA A 202 -22.06 -4.19 3.77
N SER A 203 -22.51 -5.23 4.48
CA SER A 203 -21.67 -5.99 5.42
C SER A 203 -20.69 -6.95 4.75
N TRP A 204 -20.77 -7.10 3.43
CA TRP A 204 -19.88 -7.99 2.66
C TRP A 204 -18.62 -7.24 2.19
N VAL A 205 -17.44 -7.83 2.44
CA VAL A 205 -16.16 -7.22 2.08
C VAL A 205 -15.81 -7.66 0.67
N VAL A 206 -15.66 -6.68 -0.24
CA VAL A 206 -15.38 -6.92 -1.65
C VAL A 206 -14.00 -6.38 -2.05
N GLY A 207 -13.26 -7.18 -2.80
CA GLY A 207 -12.00 -6.79 -3.41
C GLY A 207 -12.16 -6.93 -4.91
N ASP A 208 -12.24 -5.82 -5.64
CA ASP A 208 -12.54 -5.90 -7.08
C ASP A 208 -11.70 -5.06 -8.06
N LYS A 209 -11.93 -5.34 -9.35
CA LYS A 209 -11.37 -4.57 -10.45
C LYS A 209 -12.47 -4.36 -11.45
N THR A 210 -12.56 -3.15 -12.01
CA THR A 210 -13.60 -2.83 -12.96
C THR A 210 -13.05 -2.58 -14.33
N GLY A 211 -13.91 -2.67 -15.32
CA GLY A 211 -13.48 -2.45 -16.69
C GLY A 211 -14.54 -1.80 -17.52
N SER A 212 -14.11 -1.01 -18.50
CA SER A 212 -15.02 -0.30 -19.42
C SER A 212 -14.40 -0.15 -20.81
N GLY A 213 -15.05 -0.71 -21.81
CA GLY A 213 -14.55 -0.67 -23.19
C GLY A 213 -15.58 -0.33 -24.25
N GLY A 214 -15.14 -0.41 -25.50
CA GLY A 214 -15.98 -0.16 -26.67
C GLY A 214 -17.16 -1.10 -26.81
N TYR A 215 -18.17 -0.65 -27.55
CA TYR A 215 -19.43 -1.38 -27.76
C TYR A 215 -20.13 -1.64 -26.40
N GLY A 216 -20.14 -0.59 -25.57
CA GLY A 216 -20.77 -0.60 -24.25
C GLY A 216 -20.28 -1.67 -23.28
N THR A 217 -19.02 -2.07 -23.44
CA THR A 217 -18.44 -3.13 -22.63
C THR A 217 -18.21 -2.65 -21.19
N THR A 218 -18.90 -3.29 -20.24
CA THR A 218 -18.82 -2.98 -18.82
C THR A 218 -18.50 -4.28 -18.06
N ASN A 219 -17.33 -4.30 -17.41
CA ASN A 219 -16.82 -5.50 -16.72
C ASN A 219 -16.52 -5.27 -15.21
N ASP A 220 -16.43 -6.39 -14.47
CA ASP A 220 -16.02 -6.42 -13.06
C ASP A 220 -15.67 -7.85 -12.60
N ILE A 221 -14.48 -8.00 -12.00
CA ILE A 221 -13.99 -9.25 -11.40
C ILE A 221 -13.77 -8.99 -9.89
N ALA A 222 -14.30 -9.87 -9.05
CA ALA A 222 -14.26 -9.62 -7.60
C ALA A 222 -14.06 -10.84 -6.70
N VAL A 223 -13.29 -10.63 -5.62
CA VAL A 223 -13.11 -11.60 -4.53
C VAL A 223 -13.98 -11.07 -3.41
N ILE A 224 -15.07 -11.79 -3.11
CA ILE A 224 -16.07 -11.36 -2.14
C ILE A 224 -16.01 -12.22 -0.87
N TRP A 225 -15.99 -11.55 0.28
CA TRP A 225 -16.10 -12.20 1.60
C TRP A 225 -17.49 -11.91 2.17
N PRO A 226 -18.39 -12.88 2.05
CA PRO A 226 -19.72 -12.75 2.61
C PRO A 226 -19.59 -12.69 4.10
N LYS A 227 -20.45 -11.93 4.77
CA LYS A 227 -20.28 -11.76 6.20
C LYS A 227 -20.37 -13.15 6.84
N ASP A 228 -19.36 -13.49 7.62
CA ASP A 228 -19.33 -14.75 8.37
C ASP A 228 -19.47 -16.01 7.51
N ARG A 229 -18.86 -16.03 6.33
CA ARG A 229 -18.86 -17.27 5.54
C ARG A 229 -17.70 -17.31 4.52
N ALA A 230 -17.40 -18.52 4.01
CA ALA A 230 -16.29 -18.78 3.08
C ALA A 230 -16.35 -17.92 1.80
N PRO A 231 -15.18 -17.45 1.30
CA PRO A 231 -15.17 -16.50 0.19
C PRO A 231 -15.78 -16.96 -1.15
N LEU A 232 -16.16 -15.98 -1.97
CA LEU A 232 -16.73 -16.19 -3.29
C LEU A 232 -15.87 -15.45 -4.32
N ILE A 233 -15.77 -16.03 -5.52
CA ILE A 233 -15.10 -15.39 -6.65
C ILE A 233 -16.21 -15.18 -7.70
N LEU A 234 -16.42 -13.93 -8.11
CA LEU A 234 -17.42 -13.59 -9.12
C LEU A 234 -16.81 -12.76 -10.25
N VAL A 235 -17.14 -13.14 -11.49
CA VAL A 235 -16.69 -12.46 -12.71
C VAL A 235 -17.94 -12.12 -13.51
N THR A 236 -18.25 -10.82 -13.64
CA THR A 236 -19.39 -10.39 -14.45
C THR A 236 -18.90 -9.56 -15.66
N TYR A 237 -19.05 -10.14 -16.85
CA TYR A 237 -18.65 -9.53 -18.10
C TYR A 237 -19.91 -9.19 -18.91
N PHE A 238 -19.93 -7.99 -19.50
CA PHE A 238 -21.07 -7.53 -20.31
C PHE A 238 -20.65 -6.67 -21.50
N THR A 239 -21.23 -6.95 -22.67
CA THR A 239 -20.97 -6.21 -23.92
C THR A 239 -22.28 -5.95 -24.68
N GLN A 240 -22.33 -4.86 -25.45
CA GLN A 240 -23.55 -4.43 -26.17
C GLN A 240 -23.34 -4.39 -27.71
N PRO A 241 -24.42 -4.41 -28.54
CA PRO A 241 -24.21 -4.37 -30.00
C PRO A 241 -23.86 -3.00 -30.61
N GLN A 242 -24.44 -1.90 -30.11
CA GLN A 242 -24.19 -0.53 -30.59
C GLN A 242 -22.71 -0.09 -30.39
N PRO A 243 -22.11 0.67 -31.35
CA PRO A 243 -20.68 1.00 -31.22
C PRO A 243 -20.27 1.90 -30.06
N LYS A 244 -21.04 2.97 -29.81
CA LYS A 244 -20.76 3.90 -28.69
C LYS A 244 -21.88 3.79 -27.65
N ALA A 245 -22.26 2.56 -27.31
CA ALA A 245 -23.31 2.26 -26.34
C ALA A 245 -22.82 2.74 -24.97
N GLU A 246 -23.72 3.35 -24.19
CA GLU A 246 -23.37 3.89 -22.89
C GLU A 246 -23.16 2.77 -21.86
N SER A 247 -22.40 3.08 -20.81
CA SER A 247 -22.04 2.13 -19.75
C SER A 247 -23.23 1.63 -18.91
N ARG A 248 -23.30 0.31 -18.69
CA ARG A 248 -24.39 -0.31 -17.91
C ARG A 248 -23.83 -1.15 -16.74
N ARG A 249 -23.40 -0.46 -15.68
CA ARG A 249 -22.83 -1.08 -14.49
C ARG A 249 -23.93 -1.71 -13.61
N ASP A 250 -25.18 -1.28 -13.83
CA ASP A 250 -26.36 -1.78 -13.13
C ASP A 250 -26.61 -3.25 -13.45
N VAL A 251 -26.29 -3.66 -14.68
CA VAL A 251 -26.46 -5.05 -15.14
C VAL A 251 -25.60 -5.97 -14.26
N LEU A 252 -24.34 -5.55 -14.04
CA LEU A 252 -23.37 -6.26 -13.20
C LEU A 252 -23.88 -6.37 -11.74
N ALA A 253 -24.55 -5.31 -11.26
CA ALA A 253 -25.14 -5.27 -9.92
C ALA A 253 -26.28 -6.28 -9.81
N SER A 254 -27.17 -6.27 -10.81
CA SER A 254 -28.31 -7.20 -10.88
C SER A 254 -27.82 -8.63 -11.03
N ALA A 255 -26.74 -8.84 -11.81
CA ALA A 255 -26.15 -10.16 -12.01
C ALA A 255 -25.59 -10.69 -10.69
N ALA A 256 -24.97 -9.80 -9.91
CA ALA A 256 -24.40 -10.15 -8.60
C ALA A 256 -25.53 -10.49 -7.62
N LYS A 257 -26.61 -9.72 -7.70
CA LYS A 257 -27.81 -9.90 -6.86
C LYS A 257 -28.50 -11.23 -7.15
N ILE A 258 -28.59 -11.60 -8.44
CA ILE A 258 -29.20 -12.85 -8.90
C ILE A 258 -28.45 -14.10 -8.39
N VAL A 259 -27.12 -14.09 -8.48
CA VAL A 259 -26.26 -15.20 -8.03
C VAL A 259 -26.08 -15.32 -6.49
N THR A 260 -26.48 -14.29 -5.73
CA THR A 260 -26.39 -14.31 -4.26
C THR A 260 -27.77 -14.19 -3.54
N ASP A 261 -28.49 -13.08 -3.77
CA ASP A 261 -29.78 -12.71 -3.13
C ASP A 261 -30.05 -13.23 -1.73
N ALA B 3 32.40 -1.63 26.44
CA ALA B 3 33.47 -0.62 26.69
C ALA B 3 33.99 -0.01 25.36
N ASP B 4 34.36 -0.86 24.40
CA ASP B 4 34.86 -0.43 23.08
C ASP B 4 33.74 0.18 22.24
N VAL B 5 32.54 -0.41 22.33
CA VAL B 5 31.36 0.07 21.59
C VAL B 5 30.88 1.42 22.17
N GLN B 6 31.03 1.61 23.48
CA GLN B 6 30.68 2.85 24.19
C GLN B 6 31.70 3.95 23.89
N GLN B 7 32.97 3.58 23.74
CA GLN B 7 34.06 4.50 23.42
C GLN B 7 33.88 5.14 22.04
N LYS B 8 33.56 4.31 21.03
CA LYS B 8 33.38 4.75 19.64
C LYS B 8 32.17 5.68 19.47
N LEU B 9 31.07 5.37 20.16
CA LEU B 9 29.86 6.21 20.14
C LEU B 9 30.08 7.56 20.85
N ALA B 10 30.92 7.54 21.89
CA ALA B 10 31.29 8.75 22.63
C ALA B 10 32.17 9.66 21.77
N GLU B 11 33.14 9.07 21.07
CA GLU B 11 34.03 9.82 20.17
C GLU B 11 33.26 10.44 19.01
N LEU B 12 32.20 9.75 18.55
CA LEU B 12 31.34 10.24 17.48
C LEU B 12 30.56 11.46 17.97
N GLU B 13 30.05 11.38 19.22
CA GLU B 13 29.35 12.49 19.89
C GLU B 13 30.28 13.71 20.05
N ARG B 14 31.56 13.44 20.35
CA ARG B 14 32.60 14.47 20.49
C ARG B 14 32.92 15.14 19.15
N GLN B 15 33.02 14.35 18.08
CA GLN B 15 33.34 14.86 16.73
C GLN B 15 32.17 15.58 16.07
N SER B 16 30.94 15.19 16.41
CA SER B 16 29.72 15.80 15.85
C SER B 16 29.37 17.14 16.49
N GLY B 17 29.83 17.34 17.73
CA GLY B 17 29.59 18.57 18.49
C GLY B 17 28.17 18.72 18.98
N GLY B 18 27.50 17.58 19.18
CA GLY B 18 26.12 17.54 19.65
C GLY B 18 25.89 16.47 20.69
N ARG B 19 24.64 16.00 20.76
CA ARG B 19 24.20 14.98 21.71
C ARG B 19 23.60 13.80 20.94
N LEU B 20 24.25 12.63 21.05
CA LEU B 20 23.90 11.39 20.36
C LEU B 20 23.15 10.44 21.29
N GLY B 21 22.06 9.85 20.78
CA GLY B 21 21.23 8.88 21.50
C GLY B 21 21.02 7.61 20.70
N VAL B 22 21.61 6.50 21.14
CA VAL B 22 21.55 5.23 20.43
C VAL B 22 20.87 4.15 21.30
N ALA B 23 20.10 3.27 20.65
CA ALA B 23 19.44 2.14 21.28
C ALA B 23 19.25 1.00 20.28
N LEU B 24 20.01 -0.09 20.45
CA LEU B 24 19.95 -1.26 19.58
C LEU B 24 19.48 -2.48 20.37
N ILE B 25 18.52 -3.22 19.80
CA ILE B 25 18.01 -4.46 20.40
C ILE B 25 18.22 -5.62 19.42
N ASN B 26 18.90 -6.68 19.86
CA ASN B 26 19.12 -7.88 19.06
C ASN B 26 18.07 -8.88 19.51
N THR B 27 17.11 -9.20 18.63
CA THR B 27 16.02 -10.15 18.93
C THR B 27 16.49 -11.61 19.10
N ALA B 28 17.68 -11.94 18.57
CA ALA B 28 18.26 -13.29 18.67
C ALA B 28 18.57 -13.72 20.12
N ASP B 29 19.23 -12.83 20.88
CA ASP B 29 19.65 -13.10 22.26
C ASP B 29 19.06 -12.12 23.30
N ASN B 30 18.26 -11.15 22.83
CA ASN B 30 17.61 -10.11 23.63
C ASN B 30 18.56 -9.07 24.26
N SER B 31 19.80 -8.99 23.74
CA SER B 31 20.84 -8.06 24.21
C SER B 31 20.58 -6.63 23.73
N GLN B 32 21.05 -5.65 24.50
CA GLN B 32 20.85 -4.22 24.19
C GLN B 32 22.13 -3.37 24.24
N ILE B 33 22.46 -2.71 23.13
CA ILE B 33 23.56 -1.74 23.06
C ILE B 33 22.89 -0.36 23.22
N LEU B 34 23.12 0.29 24.35
CA LEU B 34 22.48 1.57 24.67
C LEU B 34 23.48 2.71 24.89
N TYR B 35 23.09 3.93 24.48
CA TYR B 35 23.90 5.15 24.67
C TYR B 35 22.94 6.34 24.81
N ARG B 36 22.90 6.93 26.01
CA ARG B 36 21.96 8.01 26.38
C ARG B 36 20.49 7.62 26.13
N ALA B 37 20.20 6.32 26.28
CA ALA B 37 18.92 5.67 25.98
C ALA B 37 17.73 6.10 26.83
N ASP B 38 17.98 6.75 27.97
CA ASP B 38 16.91 7.24 28.85
C ASP B 38 16.70 8.77 28.76
N GLU B 39 17.60 9.45 28.03
CA GLU B 39 17.53 10.90 27.80
C GLU B 39 16.45 11.23 26.77
N ARG B 40 15.72 12.32 27.00
CA ARG B 40 14.63 12.74 26.12
C ARG B 40 15.16 13.51 24.91
N PHE B 41 14.78 13.05 23.72
CA PHE B 41 15.16 13.64 22.45
C PHE B 41 13.87 13.93 21.68
N ALA B 42 13.85 15.05 20.92
CA ALA B 42 12.71 15.41 20.08
C ALA B 42 12.60 14.47 18.88
N MET B 43 11.46 13.79 18.78
CA MET B 43 11.19 12.74 17.77
C MET B 43 11.09 13.28 16.36
N CYS B 44 10.42 14.43 16.21
CA CYS B 44 10.15 15.06 14.91
C CYS B 44 9.32 14.12 14.03
N SER B 45 9.84 13.72 12.89
CA SER B 45 9.04 12.93 11.98
C SER B 45 9.06 11.44 12.27
N THR B 46 9.83 11.01 13.26
CA THR B 46 9.87 9.60 13.69
C THR B 46 8.62 9.26 14.51
N SER B 47 7.92 10.29 15.00
CA SER B 47 6.65 10.16 15.72
C SER B 47 5.50 9.69 14.82
N LYS B 48 5.65 9.87 13.52
CA LYS B 48 4.68 9.49 12.48
C LYS B 48 4.39 7.99 12.46
N VAL B 49 5.34 7.17 12.92
CA VAL B 49 5.18 5.71 13.03
C VAL B 49 4.06 5.38 14.03
N MET B 50 4.13 6.00 15.21
CA MET B 50 3.14 5.85 16.28
C MET B 50 1.73 6.29 15.85
N ALA B 51 1.65 7.41 15.14
CA ALA B 51 0.39 7.95 14.64
C ALA B 51 -0.22 7.04 13.58
N ALA B 52 0.63 6.46 12.73
CA ALA B 52 0.18 5.53 11.69
C ALA B 52 -0.24 4.20 12.30
N ALA B 53 0.43 3.81 13.37
CA ALA B 53 0.12 2.59 14.13
C ALA B 53 -1.18 2.74 14.93
N ALA B 54 -1.43 3.96 15.42
CA ALA B 54 -2.66 4.30 16.15
C ALA B 54 -3.88 4.12 15.25
N VAL B 55 -3.75 4.48 13.98
CA VAL B 55 -4.78 4.33 12.95
C VAL B 55 -4.95 2.84 12.61
N LEU B 56 -3.85 2.08 12.62
CA LEU B 56 -3.86 0.63 12.40
C LEU B 56 -4.55 -0.10 13.56
N LYS B 57 -4.32 0.33 14.80
CA LYS B 57 -4.95 -0.27 15.97
C LYS B 57 -6.45 0.05 15.98
N LYS B 58 -6.78 1.22 15.45
CA LYS B 58 -8.17 1.68 15.32
C LYS B 58 -8.87 0.80 14.27
N SER B 59 -8.19 0.51 13.17
CA SER B 59 -8.70 -0.34 12.10
C SER B 59 -8.89 -1.81 12.51
N GLU B 60 -8.39 -2.19 13.69
CA GLU B 60 -8.57 -3.55 14.24
C GLU B 60 -10.00 -3.81 14.72
N SER B 61 -10.76 -2.74 14.95
CA SER B 61 -12.16 -2.77 15.39
C SER B 61 -13.10 -2.28 14.27
N GLU B 62 -12.59 -1.45 13.34
CA GLU B 62 -13.36 -0.92 12.21
C GLU B 62 -12.77 -1.48 10.92
N PRO B 63 -13.42 -2.49 10.31
CA PRO B 63 -12.80 -3.23 9.18
C PRO B 63 -12.37 -2.44 7.93
N ASN B 64 -13.23 -1.58 7.37
CA ASN B 64 -12.88 -0.84 6.15
C ASN B 64 -12.27 0.55 6.43
N LEU B 65 -11.82 0.79 7.67
CA LEU B 65 -11.31 2.10 8.09
C LEU B 65 -10.21 2.68 7.20
N LEU B 66 -9.26 1.86 6.76
CA LEU B 66 -8.14 2.33 5.94
C LEU B 66 -8.56 2.89 4.58
N ASN B 67 -9.63 2.36 4.01
CA ASN B 67 -10.14 2.79 2.71
C ASN B 67 -10.99 4.06 2.75
N GLN B 68 -11.32 4.55 3.97
CA GLN B 68 -12.12 5.77 4.17
C GLN B 68 -11.39 7.01 3.64
N ARG B 69 -12.11 7.82 2.85
CA ARG B 69 -11.57 9.04 2.21
C ARG B 69 -11.52 10.23 3.18
N VAL B 70 -10.47 11.06 3.05
CA VAL B 70 -10.27 12.26 3.89
C VAL B 70 -9.98 13.47 2.97
N GLU B 71 -10.74 14.55 3.17
CA GLU B 71 -10.66 15.78 2.35
C GLU B 71 -9.37 16.54 2.60
N ILE B 72 -8.61 16.82 1.53
CA ILE B 72 -7.36 17.57 1.60
C ILE B 72 -7.62 18.98 1.06
N LYS B 73 -7.59 19.98 1.94
CA LYS B 73 -7.88 21.40 1.60
C LYS B 73 -6.60 22.24 1.47
N LYS B 74 -6.70 23.39 0.81
CA LYS B 74 -5.57 24.32 0.63
C LYS B 74 -5.10 24.90 1.98
N SER B 75 -6.06 25.09 2.90
CA SER B 75 -5.80 25.57 4.26
C SER B 75 -5.01 24.56 5.09
N ASP B 76 -5.17 23.26 4.77
CA ASP B 76 -4.48 22.14 5.42
C ASP B 76 -2.98 22.09 5.12
N LEU B 77 -2.56 22.65 3.99
CA LEU B 77 -1.16 22.69 3.55
C LEU B 77 -0.25 23.41 4.54
N VAL B 78 0.89 22.79 4.87
CA VAL B 78 1.90 23.34 5.80
C VAL B 78 3.30 23.39 5.14
N ASN B 79 4.38 23.35 5.94
CA ASN B 79 5.76 23.49 5.45
C ASN B 79 6.27 22.47 4.41
N TYR B 80 6.17 21.18 4.71
CA TYR B 80 6.63 20.12 3.81
C TYR B 80 5.52 19.09 3.58
N ASN B 81 4.97 19.09 2.36
CA ASN B 81 3.91 18.18 1.94
C ASN B 81 4.05 17.81 0.46
N PRO B 82 4.91 16.84 0.12
CA PRO B 82 5.15 16.54 -1.31
C PRO B 82 4.11 15.64 -1.98
N ILE B 83 3.29 14.93 -1.20
CA ILE B 83 2.24 14.03 -1.73
C ILE B 83 0.85 14.67 -1.62
N ALA B 84 0.53 15.29 -0.48
CA ALA B 84 -0.75 15.96 -0.24
C ALA B 84 -1.01 17.15 -1.17
N GLU B 85 0.05 17.84 -1.60
CA GLU B 85 -0.06 19.01 -2.52
C GLU B 85 -0.58 18.61 -3.91
N LYS B 86 -0.40 17.34 -4.27
CA LYS B 86 -0.89 16.77 -5.53
C LYS B 86 -2.39 16.43 -5.48
N HIS B 87 -2.97 16.41 -4.27
CA HIS B 87 -4.38 16.04 -4.05
C HIS B 87 -5.22 17.15 -3.37
N VAL B 88 -4.84 18.41 -3.56
CA VAL B 88 -5.54 19.57 -2.96
C VAL B 88 -6.95 19.70 -3.55
N ASN B 89 -7.93 19.93 -2.67
CA ASN B 89 -9.37 19.99 -2.97
C ASN B 89 -9.91 18.63 -3.44
N GLY B 90 -9.20 17.58 -3.04
CA GLY B 90 -9.55 16.20 -3.35
C GLY B 90 -9.53 15.33 -2.10
N THR B 91 -9.64 14.02 -2.29
CA THR B 91 -9.68 13.08 -1.18
C THR B 91 -8.53 12.06 -1.22
N MET B 92 -7.97 11.79 -0.04
CA MET B 92 -6.93 10.78 0.15
C MET B 92 -7.38 9.80 1.22
N SER B 93 -7.26 8.50 0.95
CA SER B 93 -7.65 7.46 1.90
C SER B 93 -6.65 7.38 3.06
N LEU B 94 -7.11 6.90 4.23
CA LEU B 94 -6.27 6.79 5.42
C LEU B 94 -5.05 5.88 5.20
N ALA B 95 -5.20 4.88 4.32
CA ALA B 95 -4.12 3.96 3.96
C ALA B 95 -3.06 4.71 3.16
N GLU B 96 -3.51 5.63 2.31
CA GLU B 96 -2.62 6.46 1.46
C GLU B 96 -1.96 7.55 2.30
N LEU B 97 -2.69 8.13 3.26
CA LEU B 97 -2.16 9.13 4.18
C LEU B 97 -1.08 8.54 5.11
N SER B 98 -1.25 7.25 5.47
CA SER B 98 -0.27 6.53 6.25
C SER B 98 0.99 6.27 5.43
N ALA B 99 0.79 5.97 4.15
CA ALA B 99 1.89 5.71 3.20
C ALA B 99 2.72 6.97 2.97
N ALA B 100 2.04 8.10 2.72
CA ALA B 100 2.69 9.40 2.48
C ALA B 100 3.50 9.88 3.67
N ALA B 101 2.93 9.73 4.87
CA ALA B 101 3.58 10.16 6.11
C ALA B 101 4.81 9.31 6.44
N LEU B 102 4.77 8.02 6.11
CA LEU B 102 5.85 7.10 6.42
C LEU B 102 6.93 7.04 5.33
N GLN B 103 6.50 6.95 4.06
CA GLN B 103 7.42 6.83 2.93
C GLN B 103 7.98 8.15 2.38
N TYR B 104 7.19 9.23 2.43
CA TYR B 104 7.62 10.53 1.90
C TYR B 104 7.70 11.63 2.96
N SER B 105 7.27 11.32 4.16
CA SER B 105 7.31 12.25 5.27
C SER B 105 6.47 13.51 5.03
N ASP B 106 5.25 13.29 4.62
CA ASP B 106 4.31 14.36 4.35
C ASP B 106 3.71 14.82 5.66
N ASN B 107 3.80 16.13 5.95
CA ASN B 107 3.30 16.69 7.20
C ASN B 107 1.77 16.84 7.28
N VAL B 108 1.12 17.09 6.12
CA VAL B 108 -0.35 17.19 6.05
C VAL B 108 -0.96 15.81 6.34
N ALA B 109 -0.34 14.77 5.76
CA ALA B 109 -0.71 13.36 5.94
C ALA B 109 -0.62 12.95 7.39
N MET B 110 0.44 13.39 8.08
CA MET B 110 0.64 13.15 9.51
C MET B 110 -0.47 13.83 10.33
N ASN B 111 -0.74 15.11 10.03
CA ASN B 111 -1.79 15.91 10.70
C ASN B 111 -3.19 15.27 10.59
N LYS B 112 -3.47 14.63 9.44
CA LYS B 112 -4.75 13.96 9.21
C LYS B 112 -4.89 12.69 10.08
N LEU B 113 -3.77 11.97 10.27
CA LEU B 113 -3.72 10.79 11.15
C LEU B 113 -3.96 11.18 12.62
N ILE B 114 -3.35 12.29 13.05
CA ILE B 114 -3.47 12.85 14.41
C ILE B 114 -4.93 13.23 14.69
N ALA B 115 -5.54 13.98 13.77
CA ALA B 115 -6.93 14.45 13.89
C ALA B 115 -7.92 13.29 13.94
N HIS B 116 -7.65 12.24 13.16
CA HIS B 116 -8.53 11.06 13.04
C HIS B 116 -8.61 10.23 14.34
N VAL B 117 -7.48 10.07 15.02
CA VAL B 117 -7.46 9.32 16.28
C VAL B 117 -7.96 10.13 17.49
N GLY B 118 -8.02 11.44 17.35
CA GLY B 118 -8.54 12.33 18.40
C GLY B 118 -7.55 13.32 18.96
N GLY B 119 -6.72 13.88 18.11
CA GLY B 119 -5.70 14.86 18.50
C GLY B 119 -4.38 14.24 18.92
N PRO B 120 -3.39 15.10 19.30
CA PRO B 120 -2.08 14.57 19.71
C PRO B 120 -2.11 13.81 21.04
N ALA B 121 -3.03 14.20 21.93
CA ALA B 121 -3.23 13.57 23.24
C ALA B 121 -3.66 12.11 23.13
N SER B 122 -4.40 11.81 22.06
CA SER B 122 -4.88 10.46 21.76
C SER B 122 -3.74 9.58 21.22
N VAL B 123 -2.79 10.19 20.49
CA VAL B 123 -1.59 9.51 19.98
C VAL B 123 -0.67 9.18 21.17
N THR B 124 -0.58 10.10 22.13
CA THR B 124 0.15 9.93 23.40
C THR B 124 -0.47 8.75 24.17
N ALA B 125 -1.81 8.73 24.24
CA ALA B 125 -2.56 7.70 24.95
C ALA B 125 -2.38 6.31 24.35
N PHE B 126 -2.25 6.24 23.02
CA PHE B 126 -2.03 4.97 22.31
C PHE B 126 -0.72 4.31 22.76
N ALA B 127 0.33 5.12 23.00
CA ALA B 127 1.64 4.65 23.47
C ALA B 127 1.51 4.05 24.88
N ARG B 128 0.69 4.70 25.71
CA ARG B 128 0.42 4.25 27.08
C ARG B 128 -0.26 2.89 27.05
N GLN B 129 -1.17 2.71 26.07
CA GLN B 129 -1.91 1.47 25.86
C GLN B 129 -1.00 0.30 25.47
N LEU B 130 0.20 0.62 24.94
CA LEU B 130 1.21 -0.36 24.55
C LEU B 130 2.29 -0.56 25.61
N GLY B 131 2.31 0.32 26.61
CA GLY B 131 3.28 0.24 27.72
C GLY B 131 4.34 1.33 27.71
N ASP B 132 4.38 2.14 26.64
CA ASP B 132 5.34 3.24 26.51
C ASP B 132 4.84 4.43 27.31
N GLU B 133 5.57 4.77 28.37
CA GLU B 133 5.24 5.88 29.26
C GLU B 133 6.13 7.09 29.06
N THR B 134 7.10 6.98 28.13
CA THR B 134 8.06 8.05 27.83
C THR B 134 7.61 8.89 26.62
N PHE B 135 6.98 8.26 25.63
CA PHE B 135 6.47 8.94 24.43
C PHE B 135 5.43 10.00 24.82
N ARG B 136 5.52 11.18 24.20
CA ARG B 136 4.53 12.25 24.38
C ARG B 136 4.40 13.14 23.15
N LEU B 137 3.18 13.20 22.60
CA LEU B 137 2.87 14.07 21.46
C LEU B 137 2.01 15.23 21.97
N ASP B 138 2.59 16.44 21.96
CA ASP B 138 1.95 17.61 22.51
C ASP B 138 1.40 18.56 21.43
N ARG B 139 2.05 18.61 20.28
CA ARG B 139 1.68 19.53 19.20
C ARG B 139 1.42 18.80 17.87
N THR B 140 0.92 19.55 16.89
CA THR B 140 0.65 19.07 15.52
C THR B 140 1.73 19.64 14.59
N GLU B 141 1.78 19.16 13.35
CA GLU B 141 2.75 19.63 12.35
C GLU B 141 2.35 21.04 11.88
N PRO B 142 3.31 21.97 11.68
CA PRO B 142 4.77 21.85 11.75
C PRO B 142 5.39 22.16 13.11
N THR B 143 4.58 22.63 14.06
CA THR B 143 5.06 23.07 15.39
C THR B 143 5.78 21.99 16.21
N LEU B 144 5.51 20.70 15.96
CA LEU B 144 6.12 19.62 16.75
C LEU B 144 7.62 19.39 16.51
N ASN B 145 8.19 19.99 15.46
CA ASN B 145 9.61 19.83 15.11
C ASN B 145 10.54 20.98 15.58
N THR B 146 10.06 21.82 16.50
CA THR B 146 10.86 22.95 17.02
C THR B 146 12.17 22.49 17.69
N ALA B 147 12.11 21.39 18.43
CA ALA B 147 13.25 20.72 19.11
C ALA B 147 14.12 21.60 20.01
N ILE B 148 13.50 22.49 20.77
CA ILE B 148 14.19 23.42 21.68
C ILE B 148 14.80 22.60 22.85
N PRO B 149 16.10 22.81 23.18
CA PRO B 149 16.71 22.03 24.27
C PRO B 149 16.08 22.37 25.62
N GLY B 150 15.70 21.34 26.36
CA GLY B 150 15.04 21.51 27.66
C GLY B 150 13.53 21.40 27.60
N ASP B 151 12.95 21.63 26.41
CA ASP B 151 11.51 21.56 26.17
C ASP B 151 11.03 20.11 26.22
N PRO B 152 10.09 19.77 27.13
CA PRO B 152 9.63 18.38 27.23
C PRO B 152 8.67 17.94 26.12
N ARG B 153 8.04 18.90 25.43
CA ARG B 153 7.06 18.65 24.37
C ARG B 153 7.64 17.83 23.20
N ASP B 154 6.85 16.87 22.71
CA ASP B 154 7.13 16.00 21.55
C ASP B 154 8.45 15.20 21.64
N THR B 155 8.71 14.60 22.82
CA THR B 155 9.94 13.83 23.06
C THR B 155 9.69 12.38 23.51
N THR B 156 10.73 11.56 23.35
CA THR B 156 10.80 10.17 23.82
C THR B 156 12.27 9.81 24.01
N SER B 157 12.54 8.77 24.80
CA SER B 157 13.92 8.30 25.00
C SER B 157 14.25 7.27 23.93
N PRO B 158 15.51 7.17 23.47
CA PRO B 158 15.86 6.19 22.41
C PRO B 158 15.40 4.75 22.68
N ARG B 159 15.54 4.29 23.93
CA ARG B 159 15.10 2.95 24.31
C ARG B 159 13.58 2.75 24.31
N ALA B 160 12.85 3.75 24.78
CA ALA B 160 11.39 3.71 24.78
C ALA B 160 10.83 3.49 23.39
N MET B 161 11.35 4.25 22.42
CA MET B 161 10.94 4.12 21.01
C MET B 161 11.39 2.77 20.44
N ALA B 162 12.60 2.34 20.79
CA ALA B 162 13.14 1.05 20.35
C ALA B 162 12.31 -0.13 20.86
N GLN B 163 11.96 -0.12 22.17
CA GLN B 163 11.13 -1.15 22.78
C GLN B 163 9.74 -1.21 22.16
N THR B 164 9.17 -0.04 21.85
CA THR B 164 7.83 0.07 21.27
C THR B 164 7.82 -0.29 19.78
N LEU B 165 8.85 0.11 19.04
CA LEU B 165 9.00 -0.21 17.61
C LEU B 165 9.13 -1.73 17.41
N ARG B 166 9.76 -2.43 18.36
CA ARG B 166 9.89 -3.87 18.32
C ARG B 166 8.51 -4.49 18.48
N ASN B 167 7.73 -3.97 19.44
CA ASN B 167 6.38 -4.45 19.72
C ASN B 167 5.42 -4.24 18.57
N LEU B 168 5.61 -3.15 17.81
CA LEU B 168 4.77 -2.83 16.67
C LEU B 168 5.13 -3.64 15.42
N THR B 169 6.42 -3.69 15.07
CA THR B 169 6.91 -4.35 13.84
C THR B 169 7.09 -5.88 13.97
N LEU B 170 7.59 -6.34 15.12
CA LEU B 170 7.86 -7.77 15.32
C LEU B 170 7.01 -8.43 16.41
N GLY B 171 6.51 -7.64 17.36
CA GLY B 171 5.71 -8.12 18.48
C GLY B 171 4.24 -8.28 18.20
N LYS B 172 3.42 -8.17 19.26
CA LYS B 172 1.96 -8.38 19.18
C LYS B 172 1.15 -7.15 19.64
N ALA B 173 1.71 -5.94 19.46
CA ALA B 173 1.03 -4.68 19.80
C ALA B 173 -0.11 -4.38 18.84
N LEU B 174 0.00 -4.92 17.62
CA LEU B 174 -0.99 -4.76 16.56
C LEU B 174 -1.38 -6.16 16.07
N GLY B 175 -2.47 -6.23 15.32
CA GLY B 175 -2.91 -7.47 14.67
C GLY B 175 -1.96 -7.87 13.56
N ASP B 176 -1.91 -9.18 13.28
CA ASP B 176 -1.02 -9.76 12.25
C ASP B 176 -1.09 -9.06 10.87
N SER B 177 -2.29 -8.68 10.45
CA SER B 177 -2.52 -7.98 9.20
C SER B 177 -1.92 -6.56 9.28
N GLN B 178 -2.20 -5.86 10.39
CA GLN B 178 -1.76 -4.48 10.65
C GLN B 178 -0.26 -4.39 10.92
N ARG B 179 0.30 -5.46 11.49
CA ARG B 179 1.74 -5.59 11.73
C ARG B 179 2.47 -5.68 10.39
N ALA B 180 1.96 -6.53 9.49
CA ALA B 180 2.51 -6.71 8.15
C ALA B 180 2.41 -5.44 7.31
N GLN B 181 1.33 -4.68 7.49
CA GLN B 181 1.10 -3.42 6.77
C GLN B 181 2.08 -2.31 7.19
N LEU B 182 2.36 -2.23 8.50
CA LEU B 182 3.31 -1.25 9.06
C LEU B 182 4.70 -1.57 8.58
N VAL B 183 5.04 -2.85 8.57
CA VAL B 183 6.35 -3.37 8.13
C VAL B 183 6.54 -3.06 6.64
N THR B 184 5.51 -3.29 5.83
CA THR B 184 5.57 -3.03 4.38
C THR B 184 5.73 -1.55 4.09
N TRP B 185 4.98 -0.70 4.81
CA TRP B 185 5.04 0.75 4.65
C TRP B 185 6.43 1.28 4.96
N MET B 186 7.01 0.84 6.09
CA MET B 186 8.36 1.27 6.51
C MET B 186 9.47 0.78 5.55
N LYS B 187 9.29 -0.41 4.99
CA LYS B 187 10.23 -1.00 4.02
C LYS B 187 10.18 -0.26 2.66
N GLY B 188 9.09 0.47 2.43
CA GLY B 188 8.92 1.29 1.23
C GLY B 188 9.33 2.75 1.39
N ASN B 189 10.03 3.08 2.46
CA ASN B 189 10.49 4.44 2.73
C ASN B 189 11.57 4.86 1.73
N THR B 190 11.55 6.15 1.33
CA THR B 190 12.49 6.73 0.36
C THR B 190 13.41 7.79 0.97
N THR B 191 13.05 8.31 2.15
CA THR B 191 13.78 9.37 2.86
C THR B 191 15.01 8.91 3.68
N GLY B 192 15.07 7.61 3.99
CA GLY B 192 16.14 7.07 4.85
C GLY B 192 17.29 6.36 4.18
N ALA B 193 17.80 6.94 3.09
CA ALA B 193 18.91 6.37 2.33
C ALA B 193 20.28 6.79 2.87
N ALA B 194 20.41 8.06 3.26
CA ALA B 194 21.63 8.63 3.81
C ALA B 194 21.80 8.44 5.34
N SER B 195 20.77 7.97 6.03
CA SER B 195 20.77 7.86 7.49
C SER B 195 21.35 6.64 8.23
N ILE B 196 20.61 5.52 8.33
CA ILE B 196 21.04 4.35 9.14
C ILE B 196 21.44 3.38 7.99
N GLN B 197 20.60 3.26 6.95
CA GLN B 197 20.86 2.45 5.75
C GLN B 197 22.28 2.59 5.18
N ALA B 198 22.81 3.81 5.19
CA ALA B 198 24.16 4.11 4.67
C ALA B 198 25.26 3.39 5.46
N GLY B 199 25.07 3.24 6.77
CA GLY B 199 26.03 2.58 7.65
C GLY B 199 25.80 1.08 7.86
N LEU B 200 25.07 0.44 6.94
CA LEU B 200 24.74 -0.99 7.01
C LEU B 200 25.04 -1.68 5.67
N PRO B 201 25.36 -2.99 5.67
CA PRO B 201 25.61 -3.67 4.39
C PRO B 201 24.39 -3.67 3.46
N ALA B 202 24.63 -3.59 2.15
CA ALA B 202 23.60 -3.56 1.11
C ALA B 202 22.63 -4.75 1.12
N SER B 203 23.12 -5.91 1.59
CA SER B 203 22.34 -7.16 1.68
C SER B 203 21.29 -7.16 2.82
N TRP B 204 21.35 -6.16 3.70
CA TRP B 204 20.43 -6.06 4.83
C TRP B 204 19.14 -5.32 4.47
N VAL B 205 17.98 -5.92 4.80
CA VAL B 205 16.66 -5.36 4.55
C VAL B 205 16.31 -4.40 5.68
N VAL B 206 16.06 -3.14 5.34
CA VAL B 206 15.78 -2.08 6.33
C VAL B 206 14.41 -1.45 6.12
N GLY B 207 13.66 -1.34 7.22
CA GLY B 207 12.38 -0.64 7.27
C GLY B 207 12.53 0.54 8.22
N ASP B 208 12.53 1.76 7.69
CA ASP B 208 12.74 2.94 8.53
C ASP B 208 11.80 4.15 8.34
N LYS B 209 12.06 5.18 9.15
CA LYS B 209 11.38 6.48 9.12
C LYS B 209 12.33 7.49 9.74
N THR B 210 12.75 8.47 8.93
CA THR B 210 13.68 9.53 9.34
C THR B 210 12.93 10.77 9.87
N GLY B 211 13.67 11.65 10.53
CA GLY B 211 13.13 12.89 11.09
C GLY B 211 14.15 13.99 11.21
N SER B 212 13.76 15.20 10.81
CA SER B 212 14.59 16.39 10.93
C SER B 212 13.84 17.50 11.65
N GLY B 213 14.54 18.57 12.02
CA GLY B 213 13.89 19.69 12.69
C GLY B 213 14.87 20.70 13.25
N GLY B 214 14.33 21.63 14.05
CA GLY B 214 15.08 22.71 14.66
C GLY B 214 16.27 22.23 15.48
N TYR B 215 17.19 23.14 15.78
CA TYR B 215 18.42 22.85 16.56
C TYR B 215 19.24 21.71 15.94
N GLY B 216 19.26 21.65 14.62
CA GLY B 216 20.01 20.67 13.85
C GLY B 216 19.68 19.21 14.17
N THR B 217 18.43 18.95 14.48
CA THR B 217 17.99 17.61 14.87
C THR B 217 17.92 16.68 13.67
N THR B 218 18.56 15.52 13.80
CA THR B 218 18.60 14.47 12.78
C THR B 218 18.30 13.13 13.47
N ASN B 219 17.15 12.54 13.13
CA ASN B 219 16.67 11.30 13.74
C ASN B 219 16.35 10.21 12.72
N ASP B 220 16.37 8.95 13.16
CA ASP B 220 15.99 7.77 12.37
C ASP B 220 15.71 6.57 13.29
N ILE B 221 14.55 5.94 13.09
CA ILE B 221 14.16 4.74 13.82
C ILE B 221 13.97 3.62 12.80
N ALA B 222 14.57 2.45 13.03
CA ALA B 222 14.56 1.36 12.03
C ALA B 222 14.34 -0.06 12.56
N VAL B 223 13.82 -0.91 11.68
CA VAL B 223 13.70 -2.37 11.89
C VAL B 223 14.52 -3.04 10.77
N ILE B 224 15.69 -3.57 11.14
CA ILE B 224 16.64 -4.16 10.18
C ILE B 224 16.63 -5.69 10.23
N TRP B 225 16.49 -6.33 9.05
CA TRP B 225 16.57 -7.79 8.90
C TRP B 225 17.90 -8.14 8.24
N PRO B 226 18.93 -8.50 9.04
CA PRO B 226 20.22 -8.80 8.45
C PRO B 226 20.24 -10.16 7.78
N LYS B 227 21.25 -10.42 6.94
CA LYS B 227 21.37 -11.67 6.20
C LYS B 227 21.63 -12.87 7.12
N ASP B 228 20.75 -13.86 7.04
CA ASP B 228 20.80 -15.13 7.76
C ASP B 228 20.79 -15.03 9.31
N ARG B 229 20.23 -13.94 9.86
CA ARG B 229 20.07 -13.77 11.31
C ARG B 229 18.85 -12.92 11.71
N ALA B 230 18.40 -13.11 12.96
CA ALA B 230 17.19 -12.49 13.55
C ALA B 230 17.20 -10.96 13.45
N PRO B 231 16.01 -10.32 13.30
CA PRO B 231 16.00 -8.86 13.10
C PRO B 231 16.56 -8.02 14.26
N LEU B 232 16.91 -6.78 13.94
CA LEU B 232 17.45 -5.81 14.90
C LEU B 232 16.58 -4.55 14.89
N ILE B 233 16.42 -3.92 16.05
CA ILE B 233 15.71 -2.64 16.19
C ILE B 233 16.76 -1.60 16.58
N LEU B 234 16.91 -0.55 15.75
CA LEU B 234 17.88 0.52 16.00
C LEU B 234 17.22 1.90 15.96
N VAL B 235 17.45 2.68 17.03
CA VAL B 235 16.97 4.06 17.16
C VAL B 235 18.18 4.99 17.32
N THR B 236 18.38 5.86 16.33
CA THR B 236 19.47 6.85 16.35
C THR B 236 18.87 8.26 16.40
N TYR B 237 18.99 8.89 17.56
CA TYR B 237 18.53 10.26 17.80
C TYR B 237 19.73 11.19 17.98
N PHE B 238 19.74 12.31 17.27
CA PHE B 238 20.83 13.30 17.34
C PHE B 238 20.31 14.74 17.28
N THR B 239 20.77 15.56 18.22
CA THR B 239 20.39 16.97 18.32
C THR B 239 21.64 17.85 18.55
N GLN B 240 21.60 19.10 18.09
CA GLN B 240 22.75 20.03 18.16
C GLN B 240 22.41 21.31 18.99
N PRO B 241 23.42 21.99 19.58
CA PRO B 241 23.09 23.17 20.40
C PRO B 241 22.75 24.44 19.60
N GLN B 242 23.25 24.54 18.37
CA GLN B 242 23.02 25.71 17.50
C GLN B 242 21.60 25.64 16.94
N PRO B 243 20.81 26.71 17.00
CA PRO B 243 19.43 26.60 16.54
C PRO B 243 19.29 26.32 15.07
N LYS B 244 20.22 26.84 14.29
CA LYS B 244 20.10 26.89 12.86
C LYS B 244 21.08 25.94 12.18
N ALA B 245 21.49 24.93 12.94
CA ALA B 245 22.41 23.89 12.50
C ALA B 245 21.81 23.02 11.45
N GLU B 246 22.66 22.59 10.53
CA GLU B 246 22.25 21.72 9.41
C GLU B 246 22.20 20.24 9.81
N SER B 247 21.37 19.47 9.10
CA SER B 247 21.15 18.03 9.36
C SER B 247 22.41 17.20 9.14
N ARG B 248 22.69 16.29 10.08
CA ARG B 248 23.85 15.41 10.01
C ARG B 248 23.47 13.92 9.95
N ARG B 249 22.98 13.47 8.79
CA ARG B 249 22.59 12.09 8.53
C ARG B 249 23.79 11.12 8.55
N ASP B 250 25.00 11.66 8.37
CA ASP B 250 26.26 10.90 8.40
C ASP B 250 26.58 10.37 9.79
N VAL B 251 26.13 11.09 10.82
CA VAL B 251 26.32 10.71 12.23
C VAL B 251 25.45 9.49 12.53
N LEU B 252 24.22 9.47 12.00
CA LEU B 252 23.29 8.34 12.15
C LEU B 252 23.81 7.11 11.40
N ALA B 253 24.52 7.34 10.28
CA ALA B 253 25.14 6.28 9.47
C ALA B 253 26.34 5.67 10.21
N SER B 254 27.15 6.54 10.83
CA SER B 254 28.32 6.14 11.60
C SER B 254 27.91 5.40 12.88
N ALA B 255 26.84 5.84 13.52
CA ALA B 255 26.31 5.21 14.73
C ALA B 255 25.83 3.79 14.44
N ALA B 256 25.17 3.61 13.28
CA ALA B 256 24.69 2.32 12.80
C ALA B 256 25.84 1.36 12.48
N LYS B 257 26.93 1.89 11.93
CA LYS B 257 28.12 1.11 11.57
C LYS B 257 28.87 0.63 12.81
N ILE B 258 28.82 1.41 13.90
CA ILE B 258 29.48 1.06 15.17
C ILE B 258 28.72 -0.08 15.85
N VAL B 259 27.41 0.10 16.05
CA VAL B 259 26.56 -0.86 16.77
C VAL B 259 26.31 -2.22 16.08
N THR B 260 26.58 -2.33 14.77
CA THR B 260 26.35 -3.58 14.04
C THR B 260 27.62 -4.39 13.69
N ASP B 261 28.81 -3.78 13.81
CA ASP B 261 30.08 -4.47 13.50
C ASP B 261 30.52 -5.44 14.60
#